data_6PV9
#
_entry.id   6PV9
#
_cell.length_a   114.949
_cell.length_b   114.949
_cell.length_c   33.778
_cell.angle_alpha   90.000
_cell.angle_beta   90.000
_cell.angle_gamma   120.000
#
_symmetry.space_group_name_H-M   'P 64'
#
loop_
_entity.id
_entity.type
_entity.pdbx_description
1 polymer 'Programmed cell death 1 ligand 1'
2 polymer 'macrocyclic peptide'
3 water water
#
loop_
_entity_poly.entity_id
_entity_poly.type
_entity_poly.pdbx_seq_one_letter_code
_entity_poly.pdbx_strand_id
1 'polypeptide(L)'
;MFTVTVPKDLYVVEYGSNMTIECKFPVEKQLDLAALIVYWEMEDKNIIQFVHGEEDLKVQHSSYRQRARLLKDQLSLGNA
ALQITDVKLQDAGVYRCMISYGGADYKRITVKVNAPYNKINQRILVVDPVTSEHELTCQAEGYPKAEVIWTSSDHQVLSG
KTTTTNSKREEKLFNVTSTLRINTTTNEIFYCTFRRLDPEENHTAELVIPELPLAHPPNERT
;
A
2 'polypeptide(L)' (ACE)F(MAA)NPHL(SAR)WSW(9KK)(9KK)R(DCY)G(NH2) B
#
loop_
_chem_comp.id
_chem_comp.type
_chem_comp.name
_chem_comp.formula
ACE non-polymer 'ACETYL GROUP' 'C2 H4 O'
NH2 non-polymer 'AMINO GROUP' 'H2 N'
#
# COMPACT_ATOMS: atom_id res chain seq x y z
N PHE A 2 -29.25 -17.18 -4.35
CA PHE A 2 -28.38 -16.02 -4.51
C PHE A 2 -27.09 -16.19 -3.72
N THR A 3 -25.96 -16.14 -4.43
CA THR A 3 -24.66 -16.31 -3.80
C THR A 3 -23.68 -15.33 -4.39
N VAL A 4 -22.90 -14.70 -3.53
CA VAL A 4 -21.78 -13.86 -3.94
C VAL A 4 -20.52 -14.71 -3.92
N THR A 5 -19.71 -14.59 -4.98
CA THR A 5 -18.47 -15.34 -5.10
C THR A 5 -17.31 -14.39 -5.32
N VAL A 6 -16.14 -14.80 -4.86
CA VAL A 6 -14.91 -14.04 -5.05
C VAL A 6 -13.91 -14.94 -5.75
N PRO A 7 -13.36 -14.54 -6.90
CA PRO A 7 -12.35 -15.38 -7.56
C PRO A 7 -11.10 -15.55 -6.71
N LYS A 8 -10.70 -14.51 -5.98
CA LYS A 8 -9.58 -14.56 -5.06
C LYS A 8 -10.04 -14.02 -3.71
N ASP A 9 -9.72 -14.75 -2.64
CA ASP A 9 -9.96 -14.26 -1.29
C ASP A 9 -8.67 -13.91 -0.57
N LEU A 10 -7.55 -13.89 -1.29
CA LEU A 10 -6.27 -13.41 -0.76
C LEU A 10 -5.60 -12.56 -1.81
N TYR A 11 -5.31 -11.31 -1.47
CA TYR A 11 -4.54 -10.41 -2.32
C TYR A 11 -3.28 -10.00 -1.55
N VAL A 12 -2.13 -10.13 -2.21
CA VAL A 12 -0.86 -9.63 -1.69
C VAL A 12 -0.38 -8.55 -2.64
N VAL A 13 -0.30 -7.31 -2.13
CA VAL A 13 -0.08 -6.15 -2.97
C VAL A 13 1.10 -5.35 -2.43
N GLU A 14 1.78 -4.65 -3.33
CA GLU A 14 2.92 -3.82 -2.97
C GLU A 14 2.45 -2.43 -2.58
N TYR A 15 3.15 -1.83 -1.61
CA TYR A 15 2.84 -0.47 -1.18
C TYR A 15 2.85 0.49 -2.37
N GLY A 16 1.91 1.42 -2.37
CA GLY A 16 1.82 2.43 -3.40
C GLY A 16 1.25 1.96 -4.73
N SER A 17 0.93 0.68 -4.87
CA SER A 17 0.38 0.17 -6.12
C SER A 17 -1.13 0.39 -6.16
N ASN A 18 -1.76 -0.11 -7.22
CA ASN A 18 -3.21 -0.04 -7.39
C ASN A 18 -3.78 -1.45 -7.33
N MET A 19 -4.97 -1.58 -6.73
CA MET A 19 -5.56 -2.88 -6.45
C MET A 19 -7.05 -2.85 -6.73
N THR A 20 -7.54 -3.90 -7.40
CA THR A 20 -8.97 -4.07 -7.67
C THR A 20 -9.41 -5.42 -7.12
N ILE A 21 -10.29 -5.39 -6.12
CA ILE A 21 -10.83 -6.59 -5.51
C ILE A 21 -12.16 -6.91 -6.17
N GLU A 22 -12.28 -8.11 -6.72
CA GLU A 22 -13.49 -8.52 -7.43
C GLU A 22 -14.48 -9.17 -6.47
N CYS A 23 -15.77 -8.95 -6.73
CA CYS A 23 -16.84 -9.46 -5.89
C CYS A 23 -18.05 -9.70 -6.80
N LYS A 24 -18.29 -10.95 -7.15
CA LYS A 24 -19.20 -11.29 -8.23
C LYS A 24 -20.56 -11.76 -7.69
N PHE A 25 -21.61 -11.43 -8.43
CA PHE A 25 -22.98 -11.79 -8.07
C PHE A 25 -23.79 -11.97 -9.35
N PRO A 26 -24.79 -12.85 -9.35
CA PRO A 26 -25.49 -13.18 -10.60
C PRO A 26 -26.33 -11.99 -11.10
N VAL A 27 -26.11 -11.63 -12.36
CA VAL A 27 -26.93 -10.64 -13.05
C VAL A 27 -27.36 -11.24 -14.39
N GLU A 28 -28.66 -11.23 -14.65
CA GLU A 28 -29.22 -11.78 -15.88
C GLU A 28 -29.47 -10.63 -16.85
N LYS A 29 -28.56 -10.47 -17.81
CA LYS A 29 -28.69 -9.52 -18.92
C LYS A 29 -28.60 -8.07 -18.46
N GLN A 30 -29.71 -7.51 -17.97
CA GLN A 30 -29.81 -6.08 -17.69
C GLN A 30 -29.87 -5.87 -16.18
N LEU A 31 -28.89 -5.13 -15.65
CA LEU A 31 -28.82 -4.86 -14.22
C LEU A 31 -30.00 -3.99 -13.78
N ASP A 32 -30.76 -4.47 -12.80
CA ASP A 32 -31.88 -3.72 -12.23
C ASP A 32 -31.34 -2.86 -11.10
N LEU A 33 -30.94 -1.64 -11.45
CA LEU A 33 -30.31 -0.75 -10.47
C LEU A 33 -31.24 -0.44 -9.30
N ALA A 34 -32.55 -0.44 -9.53
CA ALA A 34 -33.49 -0.06 -8.49
C ALA A 34 -33.63 -1.11 -7.38
N ALA A 35 -32.93 -2.24 -7.48
CA ALA A 35 -32.99 -3.27 -6.46
C ALA A 35 -31.61 -3.66 -5.94
N LEU A 36 -30.58 -2.88 -6.23
CA LEU A 36 -29.20 -3.25 -5.93
C LEU A 36 -28.65 -2.40 -4.79
N ILE A 37 -28.08 -3.08 -3.79
CA ILE A 37 -27.35 -2.43 -2.70
C ILE A 37 -25.99 -3.10 -2.60
N VAL A 38 -24.93 -2.30 -2.50
CA VAL A 38 -23.56 -2.80 -2.39
C VAL A 38 -22.91 -2.18 -1.16
N TYR A 39 -22.28 -3.02 -0.34
CA TYR A 39 -21.63 -2.59 0.89
C TYR A 39 -20.22 -3.18 0.93
N TRP A 40 -19.22 -2.31 0.90
CA TRP A 40 -17.82 -2.69 1.09
C TRP A 40 -17.37 -2.17 2.45
N GLU A 41 -16.90 -3.08 3.31
CA GLU A 41 -16.53 -2.75 4.67
C GLU A 41 -15.19 -3.42 5.00
N MET A 42 -14.40 -2.75 5.84
CA MET A 42 -13.12 -3.29 6.29
C MET A 42 -12.93 -2.96 7.76
N GLU A 43 -13.22 -3.93 8.63
CA GLU A 43 -12.96 -3.86 10.08
C GLU A 43 -13.41 -2.51 10.66
N ASP A 44 -14.73 -2.32 10.62
CA ASP A 44 -15.45 -1.18 11.19
C ASP A 44 -15.26 0.11 10.40
N LYS A 45 -14.68 0.05 9.21
CA LYS A 45 -14.52 1.22 8.35
C LYS A 45 -15.40 1.05 7.12
N ASN A 46 -16.25 2.05 6.87
CA ASN A 46 -17.13 2.02 5.72
C ASN A 46 -16.40 2.55 4.49
N ILE A 47 -16.39 1.76 3.43
CA ILE A 47 -15.72 2.11 2.19
C ILE A 47 -16.73 2.48 1.10
N ILE A 48 -17.70 1.60 0.84
CA ILE A 48 -18.71 1.82 -0.19
C ILE A 48 -20.07 1.53 0.40
N GLN A 49 -20.98 2.50 0.27
CA GLN A 49 -22.39 2.33 0.66
C GLN A 49 -23.21 2.75 -0.55
N PHE A 50 -23.51 1.77 -1.40
CA PHE A 50 -24.14 1.99 -2.70
C PHE A 50 -25.60 1.56 -2.62
N VAL A 51 -26.51 2.49 -2.92
CA VAL A 51 -27.95 2.23 -2.84
C VAL A 51 -28.60 2.69 -4.14
N HIS A 52 -29.01 1.74 -4.97
CA HIS A 52 -29.80 2.02 -6.18
C HIS A 52 -29.12 3.04 -7.09
N GLY A 53 -27.79 2.99 -7.13
CA GLY A 53 -27.00 3.91 -7.93
C GLY A 53 -26.45 5.09 -7.18
N GLU A 54 -26.91 5.32 -5.95
CA GLU A 54 -26.57 6.51 -5.18
C GLU A 54 -25.44 6.22 -4.21
N GLU A 55 -24.41 7.06 -4.23
CA GLU A 55 -23.34 7.05 -3.25
C GLU A 55 -23.16 8.44 -2.67
N ASP A 56 -22.76 8.50 -1.41
CA ASP A 56 -22.47 9.76 -0.72
C ASP A 56 -21.07 9.64 -0.12
N LEU A 57 -20.12 10.36 -0.71
CA LEU A 57 -18.73 10.25 -0.30
C LEU A 57 -18.49 10.64 1.16
N LYS A 58 -19.43 11.35 1.77
CA LYS A 58 -19.23 11.84 3.13
C LYS A 58 -19.32 10.73 4.17
N VAL A 59 -19.90 9.57 3.84
CA VAL A 59 -19.91 8.44 4.77
C VAL A 59 -18.74 7.51 4.59
N GLN A 60 -17.93 7.71 3.55
CA GLN A 60 -16.72 6.91 3.38
C GLN A 60 -15.69 7.28 4.43
N HIS A 61 -15.03 6.27 4.99
CA HIS A 61 -14.05 6.51 6.04
C HIS A 61 -12.93 7.42 5.55
N SER A 62 -12.42 8.26 6.45
CA SER A 62 -11.43 9.26 6.07
C SER A 62 -10.19 8.63 5.46
N SER A 63 -9.76 7.47 5.99
CA SER A 63 -8.53 6.84 5.52
C SER A 63 -8.63 6.38 4.08
N TYR A 64 -9.83 6.25 3.52
CA TYR A 64 -10.01 5.82 2.14
C TYR A 64 -10.41 6.94 1.20
N ARG A 65 -10.65 8.15 1.71
CA ARG A 65 -11.15 9.24 0.87
C ARG A 65 -10.20 9.51 -0.29
N GLN A 66 -10.78 9.70 -1.48
CA GLN A 66 -10.07 9.99 -2.71
C GLN A 66 -9.18 8.83 -3.16
N ARG A 67 -9.40 7.63 -2.64
CA ARG A 67 -8.60 6.47 -2.99
C ARG A 67 -9.39 5.21 -3.30
N ALA A 68 -10.63 5.09 -2.82
CA ALA A 68 -11.42 3.88 -3.00
C ALA A 68 -12.68 4.21 -3.79
N ARG A 69 -12.95 3.43 -4.83
CA ARG A 69 -14.12 3.67 -5.67
C ARG A 69 -14.66 2.33 -6.18
N LEU A 70 -15.98 2.30 -6.37
CA LEU A 70 -16.66 1.13 -6.93
C LEU A 70 -16.78 1.30 -8.44
N LEU A 71 -16.35 0.28 -9.18
CA LEU A 71 -16.28 0.36 -10.64
C LEU A 71 -17.69 0.11 -11.20
N LYS A 72 -18.34 1.19 -11.64
CA LYS A 72 -19.71 1.08 -12.13
C LYS A 72 -19.79 0.25 -13.41
N ASP A 73 -18.77 0.34 -14.26
CA ASP A 73 -18.75 -0.47 -15.48
C ASP A 73 -18.76 -1.96 -15.16
N GLN A 74 -18.02 -2.35 -14.12
CA GLN A 74 -18.00 -3.76 -13.72
C GLN A 74 -19.32 -4.15 -13.06
N LEU A 75 -19.93 -3.23 -12.31
CA LEU A 75 -21.19 -3.51 -11.63
C LEU A 75 -22.24 -4.02 -12.61
N SER A 76 -22.36 -3.37 -13.78
CA SER A 76 -23.35 -3.75 -14.77
C SER A 76 -23.22 -5.21 -15.19
N LEU A 77 -22.04 -5.80 -15.04
CA LEU A 77 -21.77 -7.17 -15.44
C LEU A 77 -21.72 -8.13 -14.26
N GLY A 78 -22.25 -7.73 -13.11
CA GLY A 78 -22.26 -8.60 -11.94
C GLY A 78 -20.96 -8.68 -11.18
N ASN A 79 -20.14 -7.63 -11.24
CA ASN A 79 -18.85 -7.59 -10.56
C ASN A 79 -18.77 -6.29 -9.77
N ALA A 80 -19.01 -6.36 -8.46
CA ALA A 80 -18.92 -5.19 -7.59
C ALA A 80 -17.46 -4.95 -7.21
N ALA A 81 -16.69 -4.53 -8.20
CA ALA A 81 -15.25 -4.41 -8.06
C ALA A 81 -14.87 -3.15 -7.29
N LEU A 82 -14.08 -3.33 -6.24
CA LEU A 82 -13.59 -2.22 -5.43
C LEU A 82 -12.15 -1.91 -5.83
N GLN A 83 -11.92 -0.71 -6.34
CA GLN A 83 -10.59 -0.28 -6.79
C GLN A 83 -10.00 0.67 -5.75
N ILE A 84 -8.81 0.34 -5.26
CA ILE A 84 -8.09 1.18 -4.30
C ILE A 84 -6.77 1.56 -4.94
N THR A 85 -6.56 2.86 -5.15
CA THR A 85 -5.33 3.37 -5.71
C THR A 85 -4.39 3.83 -4.60
N ASP A 86 -3.09 3.74 -4.88
CA ASP A 86 -2.04 4.15 -3.94
C ASP A 86 -2.20 3.43 -2.61
N VAL A 87 -2.04 2.10 -2.66
CA VAL A 87 -2.32 1.26 -1.50
C VAL A 87 -1.38 1.61 -0.35
N LYS A 88 -1.92 1.67 0.86
CA LYS A 88 -1.18 1.99 2.07
C LYS A 88 -1.16 0.77 2.99
N LEU A 89 -0.39 0.90 4.08
CA LEU A 89 -0.28 -0.19 5.05
C LEU A 89 -1.60 -0.41 5.78
N GLN A 90 -2.32 0.67 6.08
CA GLN A 90 -3.60 0.54 6.78
C GLN A 90 -4.69 -0.09 5.91
N ASP A 91 -4.41 -0.32 4.63
CA ASP A 91 -5.34 -1.05 3.76
C ASP A 91 -5.27 -2.55 3.94
N ALA A 92 -4.31 -3.03 4.73
CA ALA A 92 -4.20 -4.47 5.00
C ALA A 92 -5.27 -4.87 6.01
N GLY A 93 -5.97 -5.96 5.71
CA GLY A 93 -7.00 -6.45 6.61
C GLY A 93 -7.99 -7.32 5.86
N VAL A 94 -9.10 -7.58 6.52
CA VAL A 94 -10.17 -8.42 5.98
C VAL A 94 -11.26 -7.51 5.45
N TYR A 95 -11.52 -7.59 4.15
CA TYR A 95 -12.57 -6.82 3.50
C TYR A 95 -13.83 -7.68 3.39
N ARG A 96 -14.98 -7.04 3.59
CA ARG A 96 -16.27 -7.71 3.43
C ARG A 96 -17.06 -7.00 2.35
N CYS A 97 -17.44 -7.73 1.31
CA CYS A 97 -18.29 -7.24 0.23
C CYS A 97 -19.65 -7.92 0.37
N MET A 98 -20.70 -7.12 0.58
CA MET A 98 -22.05 -7.63 0.73
C MET A 98 -22.91 -7.08 -0.39
N ILE A 99 -23.64 -7.96 -1.07
CA ILE A 99 -24.51 -7.58 -2.17
C ILE A 99 -25.95 -7.92 -1.80
N SER A 100 -26.84 -6.94 -1.99
CA SER A 100 -28.27 -7.16 -1.88
C SER A 100 -28.90 -6.96 -3.26
N TYR A 101 -29.44 -8.03 -3.81
CA TYR A 101 -29.98 -8.01 -5.17
C TYR A 101 -30.95 -9.17 -5.37
N GLY A 102 -32.18 -9.02 -4.88
CA GLY A 102 -33.13 -10.12 -4.87
C GLY A 102 -32.58 -11.28 -4.07
N GLY A 103 -32.35 -11.04 -2.80
CA GLY A 103 -31.51 -11.89 -1.97
C GLY A 103 -30.22 -11.18 -1.58
N ALA A 104 -29.52 -11.77 -0.62
CA ALA A 104 -28.32 -11.13 -0.11
C ALA A 104 -27.30 -12.18 0.34
N ASP A 105 -26.03 -11.82 0.20
CA ASP A 105 -24.92 -12.68 0.59
C ASP A 105 -23.68 -11.79 0.69
N TYR A 106 -22.60 -12.38 1.21
CA TYR A 106 -21.36 -11.62 1.37
C TYR A 106 -20.19 -12.59 1.37
N LYS A 107 -18.99 -12.03 1.19
CA LYS A 107 -17.76 -12.82 1.22
C LYS A 107 -16.66 -11.99 1.86
N ARG A 108 -15.68 -12.68 2.44
CA ARG A 108 -14.52 -12.06 3.06
C ARG A 108 -13.33 -12.14 2.12
N ILE A 109 -12.49 -11.09 2.12
CA ILE A 109 -11.29 -11.04 1.31
C ILE A 109 -10.16 -10.49 2.15
N THR A 110 -9.09 -11.27 2.28
CA THR A 110 -7.91 -10.84 3.03
C THR A 110 -6.94 -10.11 2.11
N VAL A 111 -6.46 -8.96 2.54
CA VAL A 111 -5.51 -8.15 1.80
C VAL A 111 -4.25 -7.98 2.64
N LYS A 112 -3.11 -8.31 2.06
CA LYS A 112 -1.81 -8.10 2.68
C LYS A 112 -1.03 -7.08 1.86
N VAL A 113 -0.36 -6.16 2.55
CA VAL A 113 0.39 -5.08 1.91
C VAL A 113 1.86 -5.23 2.28
N ASN A 114 2.72 -5.33 1.27
CA ASN A 114 4.16 -5.44 1.45
C ASN A 114 4.80 -4.11 1.11
N ALA A 115 5.64 -3.60 2.02
CA ALA A 115 6.32 -2.32 1.85
C ALA A 115 7.83 -2.53 1.93
N PRO A 116 8.44 -3.07 0.88
CA PRO A 116 9.88 -3.31 0.90
C PRO A 116 10.65 -2.01 0.73
N TYR A 117 11.93 -2.07 1.11
CA TYR A 117 12.84 -0.93 0.96
C TYR A 117 13.53 -0.95 -0.40
N ASN A 118 12.76 -1.10 -1.47
CA ASN A 118 13.32 -1.29 -2.80
C ASN A 118 13.48 0.02 -3.58
N LYS A 119 13.11 1.16 -3.00
CA LYS A 119 13.30 2.47 -3.62
C LYS A 119 14.27 3.25 -2.73
N ILE A 120 15.56 3.10 -3.00
CA ILE A 120 16.60 3.74 -2.21
C ILE A 120 17.03 5.02 -2.92
N ASN A 121 16.89 6.15 -2.23
CA ASN A 121 17.35 7.43 -2.73
C ASN A 121 18.74 7.69 -2.18
N GLN A 122 19.71 7.88 -3.07
CA GLN A 122 21.10 8.10 -2.69
C GLN A 122 21.54 9.51 -3.09
N ARG A 123 22.50 10.04 -2.34
CA ARG A 123 23.13 11.30 -2.69
C ARG A 123 24.56 11.29 -2.18
N ILE A 124 25.44 11.96 -2.92
CA ILE A 124 26.87 12.01 -2.62
C ILE A 124 27.29 13.46 -2.60
N LEU A 125 27.78 13.92 -1.45
CA LEU A 125 28.18 15.31 -1.26
C LEU A 125 29.69 15.39 -1.07
N VAL A 126 30.32 16.36 -1.74
CA VAL A 126 31.72 16.69 -1.50
C VAL A 126 31.71 17.80 -0.46
N VAL A 127 31.80 17.41 0.82
CA VAL A 127 31.73 18.41 1.88
C VAL A 127 33.06 19.10 2.12
N ASP A 128 34.17 18.54 1.65
CA ASP A 128 35.46 19.20 1.77
C ASP A 128 36.41 18.68 0.69
N PRO A 129 36.53 19.38 -0.44
CA PRO A 129 37.38 18.86 -1.53
C PRO A 129 38.85 18.77 -1.16
N VAL A 130 39.34 19.69 -0.32
CA VAL A 130 40.76 19.70 0.03
C VAL A 130 41.14 18.42 0.78
N THR A 131 40.34 18.03 1.76
CA THR A 131 40.57 16.80 2.51
C THR A 131 39.88 15.59 1.88
N SER A 132 39.25 15.76 0.71
CA SER A 132 38.59 14.67 0.00
C SER A 132 37.48 14.03 0.83
N GLU A 133 36.91 14.78 1.77
CA GLU A 133 35.86 14.24 2.61
C GLU A 133 34.54 14.24 1.87
N HIS A 134 33.89 13.08 1.81
CA HIS A 134 32.60 12.92 1.18
C HIS A 134 31.56 12.54 2.21
N GLU A 135 30.31 12.91 1.92
CA GLU A 135 29.16 12.54 2.74
C GLU A 135 28.21 11.73 1.87
N LEU A 136 28.10 10.43 2.15
CA LEU A 136 27.22 9.55 1.41
C LEU A 136 25.97 9.28 2.23
N THR A 137 24.80 9.38 1.59
CA THR A 137 23.52 9.20 2.25
C THR A 137 22.61 8.33 1.41
N CYS A 138 21.95 7.38 2.07
CA CYS A 138 20.91 6.54 1.50
C CYS A 138 19.65 6.68 2.33
N GLN A 139 18.50 6.83 1.67
CA GLN A 139 17.23 6.97 2.38
C GLN A 139 16.16 6.16 1.68
N ALA A 140 15.34 5.45 2.46
CA ALA A 140 14.24 4.69 1.91
C ALA A 140 13.13 4.57 2.95
N GLU A 141 11.90 4.42 2.47
CA GLU A 141 10.75 4.14 3.31
C GLU A 141 10.34 2.69 3.15
N GLY A 142 9.82 2.11 4.22
CA GLY A 142 9.40 0.73 4.15
C GLY A 142 8.87 0.26 5.49
N TYR A 143 8.53 -1.03 5.53
CA TYR A 143 8.00 -1.67 6.73
C TYR A 143 8.37 -3.15 6.68
N PRO A 144 8.83 -3.73 7.80
CA PRO A 144 9.05 -3.08 9.10
C PRO A 144 10.36 -2.30 9.18
N LYS A 145 10.91 -2.20 10.39
CA LYS A 145 12.14 -1.45 10.59
C LYS A 145 13.31 -2.12 9.90
N ALA A 146 14.14 -1.33 9.23
CA ALA A 146 15.32 -1.82 8.55
C ALA A 146 16.58 -1.19 9.14
N GLU A 147 17.62 -2.00 9.28
CA GLU A 147 18.95 -1.49 9.58
C GLU A 147 19.68 -1.20 8.27
N VAL A 148 20.63 -0.28 8.32
CA VAL A 148 21.45 0.07 7.16
C VAL A 148 22.87 -0.38 7.43
N ILE A 149 23.42 -1.15 6.49
CA ILE A 149 24.79 -1.64 6.58
C ILE A 149 25.58 -1.03 5.44
N TRP A 150 26.65 -0.30 5.77
CA TRP A 150 27.55 0.27 4.79
C TRP A 150 28.74 -0.66 4.58
N THR A 151 29.10 -0.90 3.32
CA THR A 151 30.27 -1.71 3.01
C THR A 151 31.10 -1.05 1.92
N SER A 152 32.39 -1.34 1.95
CA SER A 152 33.31 -0.91 0.91
C SER A 152 33.19 -1.84 -0.30
N SER A 153 34.02 -1.58 -1.32
CA SER A 153 33.98 -2.40 -2.52
C SER A 153 34.45 -3.82 -2.23
N ASP A 154 35.35 -3.99 -1.26
CA ASP A 154 35.79 -5.32 -0.84
C ASP A 154 34.91 -5.88 0.28
N HIS A 155 33.72 -5.32 0.47
CA HIS A 155 32.68 -5.86 1.35
C HIS A 155 33.05 -5.79 2.83
N GLN A 156 33.96 -4.88 3.20
CA GLN A 156 34.23 -4.62 4.61
C GLN A 156 33.20 -3.64 5.16
N VAL A 157 32.71 -3.91 6.37
CA VAL A 157 31.65 -3.11 6.96
C VAL A 157 32.22 -1.78 7.44
N LEU A 158 31.56 -0.69 7.06
CA LEU A 158 31.93 0.65 7.50
C LEU A 158 30.89 1.19 8.47
N SER A 159 31.29 2.18 9.25
CA SER A 159 30.46 2.70 10.34
C SER A 159 29.79 3.99 9.90
N GLY A 160 28.45 3.96 9.83
CA GLY A 160 27.66 5.13 9.49
C GLY A 160 26.70 5.49 10.61
N LYS A 161 25.91 6.53 10.35
CA LYS A 161 24.93 7.04 11.31
C LYS A 161 23.54 6.91 10.70
N THR A 162 22.66 6.17 11.36
CA THR A 162 21.32 5.90 10.87
C THR A 162 20.29 6.60 11.75
N THR A 163 19.35 7.29 11.11
CA THR A 163 18.24 7.95 11.79
C THR A 163 16.94 7.36 11.29
N THR A 164 16.13 6.84 12.21
CA THR A 164 14.83 6.27 11.88
C THR A 164 13.73 7.09 12.53
N THR A 165 12.82 7.62 11.72
CA THR A 165 11.65 8.33 12.18
C THR A 165 10.41 7.72 11.53
N ASN A 166 9.25 8.16 11.98
CA ASN A 166 7.99 7.70 11.40
C ASN A 166 7.55 8.65 10.28
N LEU A 173 4.57 3.11 8.71
CA LEU A 173 5.65 3.20 7.72
C LEU A 173 6.86 3.92 8.30
N PHE A 174 8.03 3.29 8.17
CA PHE A 174 9.27 3.86 8.67
C PHE A 174 10.00 4.61 7.57
N ASN A 175 10.67 5.69 7.96
CA ASN A 175 11.56 6.44 7.08
C ASN A 175 12.97 6.29 7.64
N VAL A 176 13.82 5.55 6.92
CA VAL A 176 15.16 5.22 7.37
C VAL A 176 16.17 5.94 6.48
N THR A 177 17.01 6.77 7.09
CA THR A 177 18.10 7.43 6.40
C THR A 177 19.39 7.15 7.14
N SER A 178 20.49 7.03 6.39
CA SER A 178 21.79 6.75 6.97
C SER A 178 22.86 7.49 6.18
N THR A 179 23.84 8.01 6.91
CA THR A 179 24.88 8.86 6.33
C THR A 179 26.26 8.30 6.69
N LEU A 180 27.16 8.26 5.71
CA LEU A 180 28.52 7.80 5.89
C LEU A 180 29.48 8.92 5.51
N ARG A 181 30.28 9.38 6.47
CA ARG A 181 31.28 10.41 6.25
C ARG A 181 32.64 9.73 6.08
N ILE A 182 33.29 9.94 4.94
CA ILE A 182 34.51 9.21 4.64
C ILE A 182 35.35 10.04 3.68
N ASN A 183 36.67 9.94 3.84
CA ASN A 183 37.63 10.52 2.92
C ASN A 183 37.92 9.50 1.82
N THR A 184 37.61 9.87 0.58
CA THR A 184 37.66 8.92 -0.54
C THR A 184 37.87 9.69 -1.83
N THR A 185 38.01 8.95 -2.93
CA THR A 185 38.39 9.52 -4.22
C THR A 185 37.43 9.01 -5.30
N THR A 186 37.37 9.76 -6.40
CA THR A 186 36.53 9.42 -7.55
C THR A 186 36.69 7.95 -7.96
N ASN A 187 35.56 7.33 -8.29
CA ASN A 187 35.41 5.97 -8.83
C ASN A 187 35.47 4.89 -7.75
N GLU A 188 35.76 5.24 -6.50
CA GLU A 188 35.60 4.27 -5.43
C GLU A 188 34.13 3.91 -5.27
N ILE A 189 33.87 2.67 -4.86
CA ILE A 189 32.53 2.09 -4.85
C ILE A 189 32.15 1.76 -3.41
N PHE A 190 30.93 2.12 -3.03
CA PHE A 190 30.40 1.83 -1.72
C PHE A 190 28.98 1.29 -1.85
N TYR A 191 28.54 0.52 -0.86
CA TYR A 191 27.23 -0.09 -0.85
C TYR A 191 26.47 0.31 0.40
N CYS A 192 25.21 0.70 0.23
CA CYS A 192 24.30 0.85 1.36
C CYS A 192 23.20 -0.18 1.25
N THR A 193 23.09 -1.02 2.27
CA THR A 193 22.16 -2.14 2.27
C THR A 193 21.10 -1.92 3.34
N PHE A 194 19.84 -1.94 2.92
CA PHE A 194 18.70 -1.89 3.83
C PHE A 194 18.26 -3.31 4.13
N ARG A 195 18.36 -3.72 5.39
CA ARG A 195 18.14 -5.11 5.79
C ARG A 195 17.00 -5.18 6.79
N ARG A 196 15.98 -5.97 6.45
CA ARG A 196 14.91 -6.33 7.38
C ARG A 196 15.01 -7.82 7.68
N LEU A 197 14.49 -8.21 8.84
CA LEU A 197 14.62 -9.58 9.33
C LEU A 197 13.24 -10.24 9.44
N ASP A 198 13.27 -11.54 9.73
CA ASP A 198 12.10 -12.37 9.98
C ASP A 198 11.05 -12.23 8.88
N PRO A 199 11.33 -12.71 7.65
CA PRO A 199 12.58 -13.30 7.18
C PRO A 199 13.54 -12.24 6.62
N GLU A 200 14.79 -12.61 6.39
CA GLU A 200 15.78 -11.64 5.93
C GLU A 200 15.50 -11.22 4.50
N GLU A 201 15.51 -9.91 4.25
CA GLU A 201 15.35 -9.35 2.92
C GLU A 201 16.28 -8.15 2.81
N ASN A 202 17.07 -8.12 1.74
CA ASN A 202 18.06 -7.08 1.53
C ASN A 202 17.77 -6.30 0.26
N HIS A 203 17.96 -4.98 0.33
CA HIS A 203 17.94 -4.11 -0.84
C HIS A 203 19.13 -3.18 -0.74
N THR A 204 19.89 -3.08 -1.82
CA THR A 204 21.18 -2.41 -1.80
C THR A 204 21.30 -1.45 -2.96
N ALA A 205 21.82 -0.25 -2.68
CA ALA A 205 22.17 0.72 -3.71
C ALA A 205 23.68 0.81 -3.80
N GLU A 206 24.19 0.90 -5.02
CA GLU A 206 25.61 1.08 -5.27
C GLU A 206 25.90 2.57 -5.43
N LEU A 207 26.91 3.07 -4.72
CA LEU A 207 27.28 4.47 -4.75
C LEU A 207 28.69 4.59 -5.29
N VAL A 208 28.83 5.27 -6.43
CA VAL A 208 30.13 5.50 -7.08
C VAL A 208 30.51 6.96 -6.84
N ILE A 209 31.68 7.17 -6.26
CA ILE A 209 32.17 8.52 -5.98
C ILE A 209 32.39 9.23 -7.31
N PRO A 210 31.71 10.35 -7.56
CA PRO A 210 31.82 11.01 -8.87
C PRO A 210 33.02 11.91 -8.98
N GLU A 211 33.16 12.58 -10.13
CA GLU A 211 34.19 13.59 -10.28
C GLU A 211 33.89 14.77 -9.37
N LEU A 212 34.96 15.41 -8.89
CA LEU A 212 34.83 16.55 -7.99
C LEU A 212 34.07 17.70 -8.63
C ACE B 1 -28.93 3.21 8.00
O ACE B 1 -28.86 3.84 6.94
CH3 ACE B 1 -28.98 3.99 9.32
N PHE B 2 -28.95 1.87 8.04
CA PHE B 2 -28.93 1.05 6.84
C PHE B 2 -30.41 1.02 6.37
N MAA B 3 -30.77 1.15 5.07
CM MAA B 3 -32.21 1.10 4.77
CA MAA B 3 -29.87 1.30 3.91
CB MAA B 3 -30.12 0.19 2.87
C MAA B 3 -29.94 2.71 3.28
O MAA B 3 -30.23 2.84 2.10
N ASN B 4 -29.70 3.77 4.07
CA ASN B 4 -29.71 5.16 3.61
C ASN B 4 -28.24 5.42 3.22
N PRO B 5 -27.92 5.79 1.96
CA PRO B 5 -26.54 6.05 1.53
C PRO B 5 -25.88 7.27 2.19
N HIS B 6 -26.68 8.17 2.81
CA HIS B 6 -26.19 9.39 3.48
C HIS B 6 -25.88 9.17 4.97
N LEU B 7 -26.24 8.01 5.55
CA LEU B 7 -26.03 7.67 6.96
C LEU B 7 -24.95 6.56 7.05
N SAR B 8 -24.10 6.54 8.11
CA SAR B 8 -23.08 5.49 8.19
C SAR B 8 -23.73 4.15 8.59
O SAR B 8 -24.68 4.14 9.36
CN SAR B 8 -24.13 7.50 9.22
N TRP B 9 -23.20 3.05 8.05
CA TRP B 9 -23.69 1.71 8.34
C TRP B 9 -22.61 1.00 9.17
N SER B 10 -22.95 -0.19 9.65
CA SER B 10 -22.10 -1.05 10.45
C SER B 10 -22.46 -2.50 10.12
N TRP B 11 -21.50 -3.41 10.32
CA TRP B 11 -21.73 -4.82 10.04
C TRP B 11 -22.63 -5.45 11.12
N 9KK B 12 -23.76 -6.16 10.81
CE 9KK B 12 -24.55 -11.09 8.29
CD 9KK B 12 -24.99 -10.23 9.48
CG 9KK B 12 -25.32 -8.80 9.04
CB 9KK B 12 -24.09 -7.88 8.99
CA 9KK B 12 -24.24 -6.39 9.41
CM 9KK B 12 -24.51 -6.71 11.95
C 9KK B 12 -25.63 -5.75 9.07
O 9KK B 12 -26.58 -6.00 9.82
N 9KK B 13 -25.80 -4.94 7.98
CE 9KK B 13 -28.37 -7.93 4.19
CD 9KK B 13 -28.81 -7.10 5.41
CG 9KK B 13 -27.69 -6.20 5.94
CB 9KK B 13 -28.14 -5.39 7.17
CA 9KK B 13 -27.12 -4.33 7.66
CM 9KK B 13 -24.70 -4.61 7.05
C 9KK B 13 -27.70 -3.49 8.82
O 9KK B 13 -28.91 -3.51 9.07
N ARG B 14 -26.83 -2.78 9.56
CA ARG B 14 -27.21 -1.94 10.70
C ARG B 14 -26.67 -0.52 10.58
N DCY B 15 -27.01 0.27 11.61
CA DCY B 15 -26.67 1.67 11.84
C DCY B 15 -25.20 1.78 12.25
O DCY B 15 -24.73 0.97 13.03
CB DCY B 15 -27.11 2.60 10.69
SG DCY B 15 -28.87 2.98 10.82
N GLY B 16 -24.49 2.79 11.74
CA GLY B 16 -23.09 3.07 12.01
C GLY B 16 -22.95 4.50 12.48
N NH2 B 17 -22.05 5.27 11.85
#